data_2A48
#
_entry.id   2A48
#
_cell.length_a   113.888
_cell.length_b   113.888
_cell.length_c   82.625
_cell.angle_alpha   90.00
_cell.angle_beta   90.00
_cell.angle_gamma   90.00
#
_symmetry.space_group_name_H-M   'I 41 2 2'
#
loop_
_entity.id
_entity.type
_entity.pdbx_description
1 polymer 'GFP-like fluorescent chromoprotein amFP486'
2 non-polymer BETA-MERCAPTOETHANOL
3 water water
#
_entity_poly.entity_id   1
_entity_poly.type   'polypeptide(L)'
_entity_poly.pdbx_seq_one_letter_code
;MRGSHHHHHHGSALSNKFIGDDMKMTYHMDGCVNGHYFTVKGEGNGKPYEGTQTSTFKVTMANGGPLAFSFDILSTVF
(CR7)NRCFTAYPTSMPDYFKQAFPDGMSYERTFTYEDGGVATASWEISLKGNCFEHKSTFHGVNFPADGPVMAKKTTGW
DPSFQKMTVCDGILKGDVTAFLMLQGGGNYRCQFHTSYKTKKPVTMPPNHVVEHRIARTDLDKGGNSVQLTEHAVAHITS
VVPF
;
_entity_poly.pdbx_strand_id   A
#
loop_
_chem_comp.id
_chem_comp.type
_chem_comp.name
_chem_comp.formula
BME non-polymer BETA-MERCAPTOETHANOL 'C2 H6 O S'
#
# COMPACT_ATOMS: atom_id res chain seq x y z
N ILE A 19 13.37 16.01 1.68
CA ILE A 19 12.57 15.21 2.58
C ILE A 19 12.83 15.61 4.02
N GLY A 20 11.77 16.02 4.70
CA GLY A 20 11.93 16.42 6.08
C GLY A 20 11.69 15.28 7.05
N ASP A 21 12.16 15.49 8.27
CA ASP A 21 12.02 14.52 9.33
C ASP A 21 10.55 14.19 9.56
N ASP A 22 9.70 15.19 9.31
CA ASP A 22 8.26 15.04 9.47
C ASP A 22 7.59 15.48 8.20
N MET A 23 6.71 14.62 7.71
CA MET A 23 6.00 14.87 6.47
C MET A 23 4.51 14.70 6.63
N LYS A 24 3.79 15.41 5.78
CA LYS A 24 2.34 15.37 5.74
C LYS A 24 1.91 14.64 4.50
N MET A 25 0.73 14.03 4.60
CA MET A 25 0.18 13.26 3.48
C MET A 25 -1.29 13.50 3.23
N THR A 26 -1.64 13.35 1.97
CA THR A 26 -3.00 13.47 1.53
C THR A 26 -3.26 12.40 0.46
N TYR A 27 -4.44 11.78 0.46
CA TYR A 27 -4.73 10.73 -0.52
C TYR A 27 -6.09 10.86 -1.14
N HIS A 28 -6.15 10.40 -2.38
CA HIS A 28 -7.36 10.36 -3.17
C HIS A 28 -7.31 9.11 -4.01
N MET A 29 -8.32 8.27 -3.83
CA MET A 29 -8.41 7.03 -4.61
C MET A 29 -9.73 6.89 -5.36
N ASP A 30 -9.61 6.38 -6.59
CA ASP A 30 -10.74 6.07 -7.45
C ASP A 30 -10.66 4.56 -7.57
N GLY A 31 -11.68 3.87 -7.06
CA GLY A 31 -11.69 2.41 -7.08
C GLY A 31 -12.96 1.74 -7.57
N CYS A 32 -12.80 0.46 -7.85
CA CYS A 32 -13.83 -0.43 -8.32
C CYS A 32 -13.51 -1.84 -7.87
N VAL A 33 -14.46 -2.50 -7.22
CA VAL A 33 -14.24 -3.86 -6.77
C VAL A 33 -15.48 -4.67 -7.05
N ASN A 34 -15.35 -5.73 -7.83
CA ASN A 34 -16.49 -6.54 -8.15
C ASN A 34 -17.64 -5.67 -8.65
N GLY A 35 -17.34 -4.69 -9.49
CA GLY A 35 -18.38 -3.84 -10.02
C GLY A 35 -18.79 -2.71 -9.10
N HIS A 36 -18.23 -2.60 -7.90
CA HIS A 36 -18.60 -1.52 -6.99
C HIS A 36 -17.69 -0.31 -7.09
N TYR A 37 -18.23 0.82 -7.54
CA TYR A 37 -17.49 2.07 -7.66
C TYR A 37 -17.33 2.70 -6.26
N PHE A 38 -16.19 3.31 -5.99
CA PHE A 38 -15.98 3.94 -4.69
C PHE A 38 -14.82 4.87 -4.78
N THR A 39 -14.72 5.73 -3.77
CA THR A 39 -13.62 6.68 -3.71
C THR A 39 -13.12 6.71 -2.28
N VAL A 40 -11.88 7.21 -2.16
CA VAL A 40 -11.24 7.30 -0.87
C VAL A 40 -10.47 8.58 -0.71
N LYS A 41 -10.57 9.12 0.51
CA LYS A 41 -9.87 10.33 0.90
C LYS A 41 -9.13 10.02 2.19
N GLY A 42 -7.95 10.61 2.36
CA GLY A 42 -7.19 10.35 3.58
C GLY A 42 -6.18 11.44 3.78
N GLU A 43 -5.66 11.47 5.01
CA GLU A 43 -4.65 12.39 5.52
C GLU A 43 -3.82 11.65 6.56
N GLY A 44 -2.55 12.01 6.64
CA GLY A 44 -1.67 11.38 7.61
C GLY A 44 -0.42 12.19 7.84
N ASN A 45 0.42 11.67 8.71
CA ASN A 45 1.68 12.30 9.07
C ASN A 45 2.69 11.19 9.12
N GLY A 46 3.92 11.43 8.73
CA GLY A 46 4.90 10.36 8.80
C GLY A 46 6.31 10.90 8.97
N LYS A 47 7.19 9.95 9.30
CA LYS A 47 8.61 10.17 9.52
C LYS A 47 9.41 9.32 8.55
N PRO A 48 9.68 9.91 7.38
CA PRO A 48 10.42 9.24 6.32
C PRO A 48 11.70 8.52 6.75
N TYR A 49 12.53 9.19 7.54
CA TYR A 49 13.79 8.58 7.99
C TYR A 49 13.59 7.44 8.97
N GLU A 50 12.51 7.53 9.75
CA GLU A 50 12.21 6.49 10.71
C GLU A 50 11.43 5.36 10.09
N GLY A 51 10.89 5.58 8.89
CA GLY A 51 10.12 4.55 8.22
C GLY A 51 8.75 4.31 8.86
N THR A 52 8.17 5.37 9.43
CA THR A 52 6.87 5.29 10.08
C THR A 52 5.85 6.29 9.52
N GLN A 53 4.59 5.92 9.62
CA GLN A 53 3.55 6.79 9.13
C GLN A 53 2.20 6.34 9.63
N THR A 54 1.31 7.31 9.83
CA THR A 54 -0.03 7.02 10.28
C THR A 54 -1.01 7.87 9.50
N SER A 55 -2.09 7.24 9.03
CA SER A 55 -3.06 7.98 8.27
C SER A 55 -4.47 7.51 8.60
N THR A 56 -5.40 8.44 8.35
CA THR A 56 -6.83 8.25 8.55
C THR A 56 -7.54 8.39 7.20
N PHE A 57 -8.39 7.39 6.91
CA PHE A 57 -9.15 7.36 5.66
C PHE A 57 -10.65 7.28 5.86
N LYS A 58 -11.32 7.69 4.79
CA LYS A 58 -12.75 7.68 4.73
C LYS A 58 -13.15 7.19 3.35
N VAL A 59 -13.79 6.04 3.35
CA VAL A 59 -14.24 5.42 2.12
C VAL A 59 -15.67 5.86 1.80
N THR A 60 -15.92 6.18 0.55
CA THR A 60 -17.27 6.58 0.18
C THR A 60 -17.77 5.68 -0.92
N MET A 61 -18.70 4.80 -0.60
CA MET A 61 -19.24 3.91 -1.61
C MET A 61 -20.09 4.71 -2.59
N ALA A 62 -19.91 4.50 -3.90
CA ALA A 62 -20.73 5.25 -4.85
C ALA A 62 -22.20 5.13 -4.47
N ASN A 63 -22.60 3.91 -4.15
CA ASN A 63 -23.97 3.72 -3.75
C ASN A 63 -23.99 3.81 -2.25
N GLY A 64 -23.90 5.05 -1.75
CA GLY A 64 -23.89 5.35 -0.33
C GLY A 64 -24.14 4.11 0.51
N GLY A 65 -23.22 3.80 1.41
CA GLY A 65 -23.37 2.64 2.25
C GLY A 65 -22.03 2.22 2.84
N PRO A 66 -22.10 1.20 3.69
CA PRO A 66 -20.91 0.69 4.34
C PRO A 66 -19.93 0.05 3.39
N LEU A 67 -18.66 0.14 3.75
CA LEU A 67 -17.60 -0.44 2.98
C LEU A 67 -18.10 -1.79 2.52
N ALA A 68 -18.06 -2.03 1.21
CA ALA A 68 -18.52 -3.28 0.62
C ALA A 68 -17.52 -4.42 0.62
N PHE A 69 -16.27 -4.19 1.06
CA PHE A 69 -15.28 -5.25 1.05
C PHE A 69 -14.19 -4.89 2.02
N SER A 70 -13.27 -5.83 2.27
CA SER A 70 -12.16 -5.61 3.18
C SER A 70 -11.23 -4.47 2.74
N PHE A 71 -11.05 -3.50 3.64
CA PHE A 71 -10.19 -2.37 3.38
C PHE A 71 -8.73 -2.84 3.20
N ASP A 72 -8.42 -4.02 3.78
CA ASP A 72 -7.08 -4.60 3.67
C ASP A 72 -6.57 -4.73 2.22
N ILE A 73 -7.51 -4.86 1.25
CA ILE A 73 -7.12 -4.97 -0.15
C ILE A 73 -6.58 -3.65 -0.66
N LEU A 74 -6.96 -2.58 0.06
CA LEU A 74 -6.55 -1.22 -0.29
C LEU A 74 -5.36 -0.67 0.50
N SER A 75 -5.19 -1.12 1.73
CA SER A 75 -4.14 -0.62 2.62
C SER A 75 -2.73 -0.44 2.06
N THR A 76 -2.20 -1.47 1.39
CA THR A 76 -0.86 -1.43 0.82
C THR A 76 -0.72 -0.45 -0.34
N VAL A 77 -1.85 -0.03 -0.91
CA VAL A 77 -1.82 0.93 -2.00
C VAL A 77 -1.57 2.30 -1.39
N PHE A 78 -2.28 2.59 -0.30
CA PHE A 78 -2.07 3.85 0.37
C PHE A 78 -0.65 3.85 0.99
N1 CR7 A 79 -0.26 2.73 1.62
CA1 CR7 A 79 1.04 2.50 2.27
CB1 CR7 A 79 0.79 2.14 3.72
CG1 CR7 A 79 -0.17 3.10 4.41
C1 CR7 A 79 1.87 1.52 1.47
N2 CR7 A 79 2.20 0.15 1.87
N3 CR7 A 79 2.43 1.73 0.22
C2 CR7 A 79 3.09 0.57 -0.33
O2 CR7 A 79 3.65 0.51 -1.40
CA2 CR7 A 79 2.94 -0.45 0.77
CA3 CR7 A 79 2.10 2.90 -0.56
C3 CR7 A 79 3.09 3.95 -0.92
O3 CR7 A 79 2.93 4.56 -1.97
CB2 CR7 A 79 3.44 -1.70 0.73
CG2 CR7 A 79 3.34 -2.76 1.78
CD1 CR7 A 79 2.66 -2.61 3.02
CD2 CR7 A 79 3.94 -4.01 1.48
CE1 CR7 A 79 2.62 -3.68 3.96
CE2 CR7 A 79 3.89 -5.08 2.40
CZ CR7 A 79 3.22 -4.92 3.62
OH CR7 A 79 3.19 -6.08 4.59
CD CR7 A 79 0.52 3.99 5.41
CE CR7 A 79 -0.44 4.79 6.28
NZ CR7 A 79 -0.24 6.23 6.07
N ASN A 80 4.06 4.16 -0.06
CA ASN A 80 5.04 5.18 -0.32
C ASN A 80 6.31 4.76 0.37
N ARG A 81 7.25 4.23 -0.42
CA ARG A 81 8.54 3.73 0.05
C ARG A 81 9.49 4.80 0.60
N CYS A 82 9.07 6.06 0.56
CA CYS A 82 9.87 7.14 1.10
C CYS A 82 9.80 6.97 2.60
N PHE A 83 8.73 6.33 3.06
CA PHE A 83 8.57 6.04 4.47
C PHE A 83 9.20 4.71 4.77
N THR A 84 10.52 4.67 4.61
CA THR A 84 11.30 3.47 4.85
C THR A 84 12.64 3.83 5.46
N ALA A 85 13.00 3.11 6.51
CA ALA A 85 14.28 3.33 7.16
C ALA A 85 15.38 2.64 6.37
N TYR A 86 16.25 3.41 5.71
CA TYR A 86 17.34 2.85 4.94
C TYR A 86 18.69 3.18 5.56
N PRO A 87 19.65 2.24 5.55
CA PRO A 87 20.97 2.53 6.11
C PRO A 87 21.55 3.71 5.33
N THR A 88 22.16 4.64 6.07
CA THR A 88 22.76 5.84 5.53
C THR A 88 23.97 5.58 4.66
N SER A 89 23.89 4.57 3.82
CA SER A 89 25.00 4.25 2.95
C SER A 89 24.45 3.75 1.63
N MET A 90 23.42 2.92 1.80
CA MET A 90 22.70 2.25 0.74
C MET A 90 21.88 3.22 -0.10
N PRO A 91 21.94 3.05 -1.41
CA PRO A 91 21.16 3.91 -2.25
C PRO A 91 19.67 3.75 -1.95
N ASP A 92 19.04 4.88 -1.71
CA ASP A 92 17.64 4.96 -1.41
C ASP A 92 16.96 5.42 -2.70
N TYR A 93 16.50 4.43 -3.44
CA TYR A 93 15.83 4.67 -4.71
C TYR A 93 14.66 5.63 -4.59
N PHE A 94 14.00 5.57 -3.45
CA PHE A 94 12.86 6.41 -3.19
C PHE A 94 13.23 7.84 -2.85
N LYS A 95 14.06 7.97 -1.83
CA LYS A 95 14.46 9.28 -1.41
C LYS A 95 15.08 10.12 -2.52
N GLN A 96 15.89 9.46 -3.35
CA GLN A 96 16.53 10.13 -4.46
C GLN A 96 15.53 10.66 -5.46
N ALA A 97 14.40 9.98 -5.56
CA ALA A 97 13.40 10.39 -6.50
C ALA A 97 12.83 11.74 -6.12
N PHE A 98 12.61 11.96 -4.83
CA PHE A 98 12.07 13.22 -4.36
C PHE A 98 13.07 14.36 -4.52
N GLY A 101 8.80 13.05 -8.94
CA GLY A 101 8.07 12.17 -8.05
C GLY A 101 8.16 10.70 -8.45
N MET A 102 7.14 9.91 -8.10
CA MET A 102 7.18 8.50 -8.45
C MET A 102 5.87 7.82 -8.82
N SER A 103 5.97 6.84 -9.74
CA SER A 103 4.81 6.06 -10.19
C SER A 103 4.91 4.66 -9.64
N TYR A 104 3.78 4.12 -9.19
CA TYR A 104 3.73 2.77 -8.64
C TYR A 104 2.72 1.94 -9.41
N GLU A 105 2.98 0.65 -9.60
CA GLU A 105 2.08 -0.27 -10.29
C GLU A 105 2.15 -1.59 -9.56
N ARG A 106 1.00 -2.02 -9.06
CA ARG A 106 0.92 -3.25 -8.30
C ARG A 106 -0.16 -4.22 -8.78
N THR A 107 0.28 -5.47 -8.87
CA THR A 107 -0.59 -6.57 -9.24
C THR A 107 -0.80 -7.39 -7.99
N PHE A 108 -2.07 -7.62 -7.63
CA PHE A 108 -2.43 -8.43 -6.47
C PHE A 108 -3.12 -9.70 -6.96
N THR A 109 -2.47 -10.83 -6.73
CA THR A 109 -3.06 -12.09 -7.15
C THR A 109 -3.43 -12.89 -5.94
N TYR A 110 -4.73 -12.96 -5.65
CA TYR A 110 -5.25 -13.69 -4.51
C TYR A 110 -5.44 -15.17 -4.79
N GLU A 111 -5.23 -15.96 -3.75
CA GLU A 111 -5.34 -17.38 -3.90
C GLU A 111 -6.70 -17.89 -4.29
N ASP A 112 -7.76 -17.11 -4.10
CA ASP A 112 -9.07 -17.61 -4.46
C ASP A 112 -9.59 -17.05 -5.77
N GLY A 113 -8.69 -16.62 -6.63
CA GLY A 113 -9.10 -16.12 -7.93
C GLY A 113 -9.35 -14.63 -8.00
N GLY A 114 -9.35 -13.98 -6.86
CA GLY A 114 -9.57 -12.56 -6.92
C GLY A 114 -8.29 -11.93 -7.43
N VAL A 115 -8.44 -10.89 -8.23
CA VAL A 115 -7.29 -10.20 -8.78
C VAL A 115 -7.56 -8.70 -8.75
N ALA A 116 -6.55 -7.95 -8.33
CA ALA A 116 -6.67 -6.50 -8.27
C ALA A 116 -5.43 -5.85 -8.87
N THR A 117 -5.66 -4.81 -9.62
CA THR A 117 -4.55 -4.11 -10.23
C THR A 117 -4.63 -2.71 -9.66
N ALA A 118 -3.49 -2.09 -9.45
CA ALA A 118 -3.52 -0.75 -8.89
C ALA A 118 -2.31 0.05 -9.32
N SER A 119 -2.57 1.32 -9.56
CA SER A 119 -1.47 2.16 -9.98
C SER A 119 -1.68 3.51 -9.29
N TRP A 120 -0.57 4.13 -8.89
CA TRP A 120 -0.68 5.39 -8.22
C TRP A 120 0.55 6.25 -8.45
N GLU A 121 0.38 7.52 -8.13
CA GLU A 121 1.41 8.51 -8.28
C GLU A 121 1.55 9.29 -6.99
N ILE A 122 2.79 9.55 -6.68
CA ILE A 122 3.11 10.30 -5.50
C ILE A 122 3.86 11.55 -5.91
N SER A 123 3.37 12.68 -5.45
CA SER A 123 3.99 13.96 -5.75
C SER A 123 4.26 14.64 -4.41
N LEU A 124 5.22 15.55 -4.43
CA LEU A 124 5.61 16.25 -3.23
C LEU A 124 5.56 17.75 -3.35
N LYS A 125 4.84 18.36 -2.42
CA LYS A 125 4.66 19.79 -2.32
C LYS A 125 5.05 20.21 -0.92
N GLY A 126 6.23 20.78 -0.80
CA GLY A 126 6.65 21.21 0.52
C GLY A 126 6.84 20.01 1.38
N ASN A 127 6.08 19.96 2.48
CA ASN A 127 6.14 18.86 3.42
C ASN A 127 4.90 18.02 3.25
N CYS A 128 4.33 18.09 2.05
CA CYS A 128 3.12 17.35 1.80
C CYS A 128 3.25 16.35 0.66
N PHE A 129 2.90 15.10 0.97
CA PHE A 129 2.94 14.07 -0.04
C PHE A 129 1.54 13.91 -0.60
N GLU A 130 1.42 14.10 -1.91
CA GLU A 130 0.13 13.94 -2.58
C GLU A 130 0.15 12.58 -3.26
N HIS A 131 -0.77 11.72 -2.84
CA HIS A 131 -0.93 10.35 -3.32
C HIS A 131 -2.24 10.18 -4.06
N LYS A 132 -2.16 9.99 -5.38
CA LYS A 132 -3.35 9.82 -6.18
C LYS A 132 -3.36 8.42 -6.77
N SER A 133 -4.41 7.65 -6.49
CA SER A 133 -4.49 6.28 -6.96
C SER A 133 -5.82 5.82 -7.55
N THR A 134 -5.69 4.71 -8.29
CA THR A 134 -6.76 4.00 -8.97
C THR A 134 -6.61 2.53 -8.63
N PHE A 135 -7.72 1.95 -8.25
CA PHE A 135 -7.75 0.56 -7.87
C PHE A 135 -8.85 -0.19 -8.61
N HIS A 136 -8.59 -1.41 -9.03
CA HIS A 136 -9.59 -2.17 -9.74
C HIS A 136 -9.47 -3.66 -9.42
N GLY A 137 -10.48 -4.24 -8.79
CA GLY A 137 -10.46 -5.64 -8.42
C GLY A 137 -11.65 -6.36 -9.02
N VAL A 138 -11.39 -7.60 -9.45
CA VAL A 138 -12.41 -8.46 -10.06
C VAL A 138 -12.28 -9.90 -9.60
N ASN A 139 -13.31 -10.68 -9.89
CA ASN A 139 -13.33 -12.10 -9.59
C ASN A 139 -13.15 -12.50 -8.15
N PHE A 140 -13.47 -11.61 -7.24
CA PHE A 140 -13.35 -11.96 -5.85
C PHE A 140 -14.59 -12.78 -5.50
N PRO A 141 -14.43 -13.96 -4.90
CA PRO A 141 -15.59 -14.75 -4.56
C PRO A 141 -16.59 -13.97 -3.71
N ALA A 142 -17.84 -14.02 -4.14
CA ALA A 142 -18.91 -13.31 -3.49
C ALA A 142 -18.90 -13.55 -2.01
N ASP A 143 -18.45 -14.73 -1.67
CA ASP A 143 -18.40 -15.09 -0.28
C ASP A 143 -16.99 -15.32 0.27
N GLY A 144 -15.99 -14.74 -0.35
CA GLY A 144 -14.67 -14.97 0.21
C GLY A 144 -14.38 -13.96 1.30
N PRO A 145 -13.17 -14.04 1.86
CA PRO A 145 -12.70 -13.15 2.90
C PRO A 145 -12.80 -11.67 2.52
N VAL A 146 -12.58 -11.36 1.24
CA VAL A 146 -12.66 -9.97 0.82
C VAL A 146 -14.07 -9.40 0.85
N MET A 147 -14.93 -10.02 0.04
CA MET A 147 -16.31 -9.59 -0.04
C MET A 147 -17.04 -9.70 1.30
N ALA A 148 -16.75 -10.76 2.04
CA ALA A 148 -17.41 -10.91 3.31
C ALA A 148 -16.74 -10.13 4.43
N LYS A 149 -15.66 -9.40 4.12
CA LYS A 149 -14.97 -8.62 5.14
C LYS A 149 -14.58 -9.46 6.34
N LYS A 150 -13.92 -10.59 6.08
CA LYS A 150 -13.51 -11.48 7.15
C LYS A 150 -12.03 -11.41 7.53
N THR A 151 -11.29 -10.44 6.99
CA THR A 151 -9.87 -10.23 7.25
C THR A 151 -9.59 -9.35 8.47
N THR A 152 -8.39 -9.46 9.03
CA THR A 152 -8.03 -8.64 10.17
C THR A 152 -6.90 -7.69 9.82
N GLY A 153 -6.02 -8.13 8.92
CA GLY A 153 -4.89 -7.32 8.47
C GLY A 153 -3.80 -8.21 7.90
N TRP A 154 -2.77 -7.57 7.37
CA TRP A 154 -1.65 -8.27 6.76
C TRP A 154 -0.66 -8.75 7.80
N ASP A 155 -0.13 -9.95 7.61
CA ASP A 155 0.88 -10.49 8.49
C ASP A 155 2.17 -9.74 8.17
N PRO A 156 3.06 -9.51 9.14
CA PRO A 156 4.31 -8.82 8.83
C PRO A 156 4.99 -9.50 7.63
N SER A 157 5.46 -8.70 6.68
CA SER A 157 6.09 -9.27 5.50
C SER A 157 7.50 -8.79 5.19
N PHE A 158 8.10 -9.50 4.24
CA PHE A 158 9.44 -9.22 3.76
C PHE A 158 9.36 -9.08 2.26
N GLN A 159 9.42 -7.83 1.85
CA GLN A 159 9.34 -7.53 0.43
C GLN A 159 10.70 -7.51 -0.21
N LYS A 160 10.89 -8.45 -1.12
CA LYS A 160 12.13 -8.58 -1.85
C LYS A 160 12.18 -7.55 -2.99
N MET A 161 13.20 -6.68 -2.92
CA MET A 161 13.42 -5.63 -3.91
C MET A 161 14.58 -6.00 -4.83
N THR A 162 14.31 -5.98 -6.13
CA THR A 162 15.30 -6.32 -7.14
C THR A 162 15.22 -5.37 -8.32
N VAL A 163 16.30 -5.30 -9.06
CA VAL A 163 16.29 -4.42 -10.21
C VAL A 163 16.00 -5.20 -11.46
N CYS A 164 15.10 -4.66 -12.26
CA CYS A 164 14.75 -5.33 -13.49
C CYS A 164 14.56 -4.32 -14.59
N ASP A 165 15.50 -4.38 -15.52
CA ASP A 165 15.52 -3.51 -16.65
C ASP A 165 15.30 -2.05 -16.30
N GLY A 166 16.21 -1.51 -15.48
CA GLY A 166 16.18 -0.13 -15.06
C GLY A 166 15.16 0.24 -14.00
N ILE A 167 14.24 -0.66 -13.70
CA ILE A 167 13.27 -0.30 -12.68
C ILE A 167 13.36 -1.20 -11.45
N LEU A 168 12.98 -0.63 -10.31
CA LEU A 168 12.97 -1.36 -9.07
C LEU A 168 11.70 -2.19 -8.96
N LYS A 169 11.87 -3.49 -8.75
CA LYS A 169 10.74 -4.37 -8.62
C LYS A 169 10.65 -4.81 -7.15
N GLY A 170 9.43 -5.12 -6.73
CA GLY A 170 9.18 -5.58 -5.37
C GLY A 170 8.27 -6.79 -5.46
N ASP A 171 8.64 -7.85 -4.76
CA ASP A 171 7.82 -9.05 -4.78
C ASP A 171 7.60 -9.54 -3.37
N VAL A 172 6.39 -9.98 -3.12
CA VAL A 172 6.09 -10.49 -1.81
C VAL A 172 4.93 -11.46 -1.83
N THR A 173 5.09 -12.55 -1.10
CA THR A 173 4.02 -13.53 -0.96
C THR A 173 3.39 -13.11 0.35
N ALA A 174 2.38 -12.26 0.26
CA ALA A 174 1.73 -11.74 1.44
C ALA A 174 0.64 -12.64 1.97
N PHE A 175 0.30 -12.38 3.22
CA PHE A 175 -0.71 -13.16 3.90
C PHE A 175 -1.67 -12.26 4.64
N LEU A 176 -2.92 -12.36 4.26
CA LEU A 176 -3.96 -11.59 4.88
C LEU A 176 -4.48 -12.47 6.00
N MET A 177 -4.41 -11.97 7.21
CA MET A 177 -4.89 -12.74 8.33
C MET A 177 -6.41 -12.72 8.36
N LEU A 178 -7.01 -13.83 8.77
CA LEU A 178 -8.45 -13.92 8.81
C LEU A 178 -9.06 -13.97 10.19
N GLN A 179 -10.28 -13.48 10.29
CA GLN A 179 -11.01 -13.53 11.54
C GLN A 179 -11.12 -15.02 11.82
N GLY A 180 -10.75 -15.47 13.00
CA GLY A 180 -10.83 -16.89 13.25
C GLY A 180 -9.45 -17.49 13.39
N GLY A 181 -8.50 -16.99 12.61
CA GLY A 181 -7.15 -17.51 12.74
C GLY A 181 -6.41 -17.81 11.45
N GLY A 182 -7.14 -18.33 10.47
CA GLY A 182 -6.43 -18.65 9.25
C GLY A 182 -5.79 -17.46 8.52
N ASN A 183 -5.34 -17.72 7.30
CA ASN A 183 -4.75 -16.70 6.49
C ASN A 183 -5.19 -16.91 5.05
N TYR A 184 -5.09 -15.86 4.28
CA TYR A 184 -5.47 -15.84 2.89
C TYR A 184 -4.27 -15.32 2.14
N ARG A 185 -3.78 -16.13 1.20
CA ARG A 185 -2.60 -15.78 0.43
C ARG A 185 -2.81 -14.84 -0.76
N CYS A 186 -1.86 -13.90 -0.92
CA CYS A 186 -1.85 -12.92 -2.00
C CYS A 186 -0.44 -12.61 -2.47
N GLN A 187 -0.17 -12.81 -3.75
CA GLN A 187 1.15 -12.50 -4.25
C GLN A 187 1.18 -11.05 -4.75
N PHE A 188 2.12 -10.27 -4.25
CA PHE A 188 2.22 -8.87 -4.67
C PHE A 188 3.39 -8.73 -5.61
N HIS A 189 3.14 -8.04 -6.71
CA HIS A 189 4.18 -7.77 -7.69
C HIS A 189 4.10 -6.28 -7.99
N THR A 190 5.15 -5.55 -7.65
CA THR A 190 5.15 -4.12 -7.86
C THR A 190 6.31 -3.55 -8.68
N SER A 191 6.00 -2.54 -9.51
CA SER A 191 7.01 -1.85 -10.31
C SER A 191 7.11 -0.47 -9.71
N TYR A 192 8.33 -0.01 -9.42
CA TYR A 192 8.54 1.33 -8.87
C TYR A 192 9.27 2.16 -9.89
N LYS A 193 8.58 3.15 -10.45
CA LYS A 193 9.19 3.98 -11.47
C LYS A 193 9.44 5.43 -11.07
N THR A 194 10.67 5.86 -11.34
CA THR A 194 11.10 7.22 -11.04
C THR A 194 10.98 8.05 -12.29
N LYS A 195 10.56 9.28 -12.11
CA LYS A 195 10.44 10.20 -13.22
C LYS A 195 11.78 10.46 -13.91
N LYS A 196 12.86 10.28 -13.14
CA LYS A 196 14.20 10.49 -13.64
C LYS A 196 15.18 9.47 -13.08
N PRO A 197 16.38 9.45 -13.65
CA PRO A 197 17.42 8.52 -13.23
C PRO A 197 18.04 8.79 -11.87
N VAL A 198 18.16 7.69 -11.11
CA VAL A 198 18.73 7.67 -9.76
C VAL A 198 19.66 6.48 -9.63
N THR A 199 20.54 6.54 -8.63
CA THR A 199 21.47 5.46 -8.37
C THR A 199 20.69 4.22 -7.89
N MET A 200 20.81 3.11 -8.64
CA MET A 200 20.14 1.83 -8.35
C MET A 200 20.67 1.13 -7.11
N PRO A 201 19.77 0.50 -6.33
CA PRO A 201 20.17 -0.21 -5.12
C PRO A 201 20.59 -1.63 -5.46
N PRO A 202 21.17 -2.29 -4.48
CA PRO A 202 21.55 -3.67 -4.64
C PRO A 202 20.25 -4.40 -4.37
N ASN A 203 20.13 -5.67 -4.70
CA ASN A 203 18.91 -6.34 -4.36
C ASN A 203 18.81 -6.25 -2.84
N HIS A 204 17.61 -6.07 -2.31
CA HIS A 204 17.51 -6.00 -0.88
C HIS A 204 16.12 -6.39 -0.43
N VAL A 205 15.83 -6.22 0.87
CA VAL A 205 14.56 -6.60 1.41
C VAL A 205 14.02 -5.46 2.27
N VAL A 206 12.69 -5.29 2.21
CA VAL A 206 12.01 -4.29 3.02
C VAL A 206 11.12 -5.02 4.00
N GLU A 207 11.37 -4.81 5.29
CA GLU A 207 10.57 -5.47 6.32
C GLU A 207 9.41 -4.54 6.68
N HIS A 208 8.18 -5.04 6.58
CA HIS A 208 7.03 -4.20 6.87
C HIS A 208 6.10 -4.70 7.96
N ARG A 209 5.42 -3.72 8.54
CA ARG A 209 4.39 -3.92 9.56
C ARG A 209 3.31 -2.91 9.24
N ILE A 210 2.12 -3.40 8.89
CA ILE A 210 1.00 -2.54 8.59
C ILE A 210 -0.15 -2.91 9.51
N ALA A 211 -0.76 -1.92 10.15
CA ALA A 211 -1.87 -2.21 11.05
C ALA A 211 -3.11 -1.39 10.74
N ARG A 212 -4.24 -2.05 10.69
CA ARG A 212 -5.46 -1.36 10.40
C ARG A 212 -6.35 -1.25 11.61
N THR A 213 -6.93 -0.06 11.80
CA THR A 213 -7.83 0.17 12.92
C THR A 213 -9.10 0.84 12.45
N ASP A 214 -10.21 0.11 12.49
CA ASP A 214 -11.50 0.65 12.07
C ASP A 214 -12.00 1.69 13.05
N LEU A 215 -12.43 2.84 12.55
CA LEU A 215 -12.92 3.90 13.42
C LEU A 215 -14.44 3.88 13.54
N ASP A 216 -15.07 3.07 12.71
CA ASP A 216 -16.51 2.96 12.72
C ASP A 216 -16.86 1.54 12.37
N LYS A 217 -18.05 1.13 12.76
CA LYS A 217 -18.51 -0.21 12.54
C LYS A 217 -18.36 -0.68 11.11
N GLY A 218 -18.90 0.10 10.20
CA GLY A 218 -18.86 -0.22 8.79
C GLY A 218 -17.43 -0.31 8.20
N GLY A 219 -16.47 0.30 8.87
CA GLY A 219 -15.10 0.31 8.39
C GLY A 219 -14.87 1.39 7.33
N ASN A 220 -15.82 2.33 7.19
CA ASN A 220 -15.74 3.43 6.24
C ASN A 220 -14.69 4.42 6.68
N SER A 221 -14.60 4.59 7.98
CA SER A 221 -13.61 5.46 8.58
C SER A 221 -12.58 4.50 9.16
N VAL A 222 -11.35 4.63 8.74
CA VAL A 222 -10.35 3.71 9.23
C VAL A 222 -8.97 4.34 9.34
N GLN A 223 -8.20 3.80 10.27
CA GLN A 223 -6.87 4.32 10.46
C GLN A 223 -5.84 3.26 10.11
N LEU A 224 -4.75 3.71 9.48
CA LEU A 224 -3.65 2.86 9.06
C LEU A 224 -2.29 3.35 9.57
N THR A 225 -1.45 2.41 9.96
CA THR A 225 -0.09 2.70 10.42
C THR A 225 0.87 1.68 9.80
N GLU A 226 1.97 2.20 9.26
CA GLU A 226 2.98 1.34 8.67
C GLU A 226 4.36 1.63 9.24
N HIS A 227 5.12 0.57 9.42
CA HIS A 227 6.48 0.62 9.89
C HIS A 227 7.30 -0.20 8.90
N ALA A 228 8.33 0.42 8.30
CA ALA A 228 9.16 -0.25 7.31
C ALA A 228 10.64 0.06 7.50
N VAL A 229 11.44 -0.99 7.33
CA VAL A 229 12.89 -0.94 7.44
C VAL A 229 13.56 -1.81 6.38
N ALA A 230 14.50 -1.21 5.66
CA ALA A 230 15.25 -1.86 4.61
C ALA A 230 16.45 -2.57 5.22
N HIS A 231 16.75 -3.74 4.69
CA HIS A 231 17.86 -4.54 5.16
C HIS A 231 18.86 -4.85 4.05
N ILE A 232 20.15 -4.67 4.34
CA ILE A 232 21.18 -5.00 3.36
C ILE A 232 21.30 -6.51 3.46
N THR A 233 21.23 -7.19 2.33
CA THR A 233 21.30 -8.65 2.33
C THR A 233 22.58 -9.15 1.71
C1 BME B . -2.25 17.92 3.86
C2 BME B . -0.77 18.08 3.42
O1 BME B . -2.39 16.72 4.64
S2 BME B . -0.06 16.66 2.54
C1 BME C . 8.35 10.30 -3.85
C2 BME C . 8.33 10.34 -2.30
O1 BME C . 9.42 9.47 -4.28
S2 BME C . 9.99 10.60 -1.61
C1 BME D . -17.40 2.57 -12.09
C2 BME D . -16.85 1.55 -11.06
O1 BME D . -16.35 3.40 -12.59
S2 BME D . -16.66 -0.15 -11.71
#